data_4G94
#
_entry.id   4G94
#
_cell.length_a   38.381
_cell.length_b   64.724
_cell.length_c   108.721
_cell.angle_alpha   90.00
_cell.angle_beta   90.00
_cell.angle_gamma   90.00
#
_symmetry.space_group_name_H-M   'P 21 21 21'
#
loop_
_entity.id
_entity.type
_entity.pdbx_description
1 polymer 'RNA polymerase sigma factor rpoD'
2 polymer ORF067
3 water water
#
loop_
_entity_poly.entity_id
_entity_poly.type
_entity_poly.pdbx_seq_one_letter_code
_entity_poly.pdbx_strand_id
1 'polypeptide(L)' MKEQLEDVLDTLTDREENVLRLRFGLDDGRTRTLEEVGKVFGVTRERIRQIEAKALRKLRHP A
2 'polypeptide(L)'
;MKLKILDKDNATLNVFHRNKEHKTIDNVPTANLVDWYPLSNAYEYKLSRNGEYLELKRLRSTLPSSYGLDDNNQDIIRDN
NHRCKIGYWYNPAVRKDNLKIIEKAKQYGLPIITEEYDANTVEQGFRDIGVIFQSLKTIVVTRYLEGKTEEELRIFNMKS
EESQLNEALKESDFSVDLTYSDLGQIYNMLLLMKKISK
;
B
#
# COMPACT_ATOMS: atom_id res chain seq x y z
N MET A 1 15.62 14.49 -9.55
CA MET A 1 15.81 14.23 -8.13
C MET A 1 15.42 12.80 -7.80
N LYS A 2 16.10 11.83 -8.43
CA LYS A 2 15.83 10.42 -8.19
C LYS A 2 16.51 9.93 -6.92
N GLU A 3 17.74 10.39 -6.68
CA GLU A 3 18.50 9.99 -5.51
C GLU A 3 18.02 10.72 -4.26
N GLN A 4 17.73 12.01 -4.42
CA GLN A 4 17.29 12.84 -3.30
C GLN A 4 15.90 12.42 -2.83
N LEU A 5 15.01 12.16 -3.78
CA LEU A 5 13.66 11.71 -3.45
C LEU A 5 13.73 10.38 -2.71
N GLU A 6 14.65 9.53 -3.14
CA GLU A 6 14.92 8.26 -2.47
C GLU A 6 15.41 8.46 -1.02
N ASP A 7 16.37 9.35 -0.82
CA ASP A 7 16.84 9.61 0.54
C ASP A 7 15.68 10.10 1.41
N VAL A 8 14.82 10.95 0.85
CA VAL A 8 13.60 11.37 1.58
C VAL A 8 12.69 10.20 1.91
N LEU A 9 12.42 9.36 0.92
CA LEU A 9 11.54 8.23 1.16
C LEU A 9 12.08 7.36 2.30
N ASP A 10 13.39 7.27 2.40
CA ASP A 10 13.98 6.48 3.48
C ASP A 10 13.60 7.00 4.87
N THR A 11 13.24 8.28 4.96
CA THR A 11 12.84 8.84 6.24
C THR A 11 11.33 8.74 6.52
N LEU A 12 10.56 8.20 5.56
CA LEU A 12 9.12 8.10 5.80
C LEU A 12 8.76 6.70 6.22
N THR A 13 7.53 6.50 6.67
CA THR A 13 7.07 5.15 7.01
C THR A 13 6.80 4.41 5.72
N ASP A 14 6.68 3.08 5.77
CA ASP A 14 6.24 2.31 4.58
C ASP A 14 5.01 2.96 3.92
N ARG A 15 3.99 3.28 4.72
CA ARG A 15 2.75 3.82 4.11
C ARG A 15 2.93 5.16 3.36
N GLU A 16 3.64 6.10 3.98
CA GLU A 16 3.90 7.40 3.37
C GLU A 16 4.75 7.28 2.12
N GLU A 17 5.79 6.44 2.22
CA GLU A 17 6.67 6.25 1.07
C GLU A 17 5.85 5.72 -0.09
N ASN A 18 4.99 4.75 0.18
CA ASN A 18 4.23 4.17 -0.94
C ASN A 18 3.18 5.08 -1.53
N VAL A 19 2.56 5.93 -0.68
CA VAL A 19 1.80 7.06 -1.21
C VAL A 19 2.58 7.82 -2.29
N LEU A 20 3.84 8.12 -2.00
CA LEU A 20 4.62 8.96 -2.90
C LEU A 20 5.09 8.22 -4.13
N ARG A 21 5.43 6.95 -3.95
CA ARG A 21 5.82 6.12 -5.08
C ARG A 21 4.66 6.07 -6.07
N LEU A 22 3.47 5.74 -5.58
CA LEU A 22 2.27 5.75 -6.44
C LEU A 22 2.08 7.08 -7.14
N ARG A 23 2.03 8.13 -6.32
CA ARG A 23 1.83 9.48 -6.79
C ARG A 23 2.74 9.89 -7.94
N PHE A 24 4.02 9.63 -7.77
CA PHE A 24 5.04 10.06 -8.72
C PHE A 24 5.42 8.99 -9.72
N GLY A 25 4.73 7.86 -9.67
CA GLY A 25 4.92 6.81 -10.66
C GLY A 25 6.30 6.22 -10.60
N LEU A 26 6.84 6.05 -9.39
CA LEU A 26 8.22 5.62 -9.24
C LEU A 26 8.46 4.17 -9.59
N ASP A 27 7.40 3.38 -9.62
CA ASP A 27 7.50 1.95 -9.88
C ASP A 27 6.89 1.55 -11.24
N ASP A 28 5.62 1.89 -11.47
CA ASP A 28 4.94 1.55 -12.73
C ASP A 28 5.09 2.63 -13.82
N GLY A 29 5.82 3.69 -13.52
CA GLY A 29 6.05 4.74 -14.49
C GLY A 29 4.96 5.77 -14.65
N ARG A 30 3.77 5.49 -14.13
CA ARG A 30 2.62 6.37 -14.34
C ARG A 30 2.32 7.16 -13.09
N THR A 31 2.36 8.49 -13.19
CA THR A 31 1.97 9.35 -12.09
C THR A 31 0.47 9.15 -11.86
N ARG A 32 0.01 9.36 -10.62
CA ARG A 32 -1.39 9.12 -10.30
C ARG A 32 -2.02 10.34 -9.64
N THR A 33 -3.32 10.52 -9.89
CA THR A 33 -4.05 11.65 -9.34
C THR A 33 -4.12 11.52 -7.83
N LEU A 34 -4.30 12.63 -7.13
CA LEU A 34 -4.43 12.55 -5.68
C LEU A 34 -5.61 11.68 -5.33
N GLU A 35 -6.54 11.56 -6.27
CA GLU A 35 -7.75 10.79 -6.06
C GLU A 35 -7.52 9.30 -6.25
N GLU A 36 -6.76 8.93 -7.27
CA GLU A 36 -6.39 7.53 -7.40
C GLU A 36 -5.63 7.15 -6.14
N VAL A 37 -4.70 8.00 -5.71
CA VAL A 37 -3.84 7.61 -4.58
C VAL A 37 -4.68 7.52 -3.31
N GLY A 38 -5.53 8.50 -3.08
CA GLY A 38 -6.46 8.49 -1.97
C GLY A 38 -7.37 7.28 -1.94
N LYS A 39 -7.86 6.86 -3.09
CA LYS A 39 -8.64 5.64 -3.15
C LYS A 39 -7.80 4.41 -2.75
N VAL A 40 -6.56 4.33 -3.22
CA VAL A 40 -5.72 3.17 -2.86
C VAL A 40 -5.47 3.15 -1.36
N PHE A 41 -5.42 4.33 -0.77
CA PHE A 41 -5.18 4.39 0.69
C PHE A 41 -6.44 4.56 1.56
N GLY A 42 -7.58 4.73 0.91
CA GLY A 42 -8.79 5.04 1.64
C GLY A 42 -8.71 6.31 2.47
N VAL A 43 -8.05 7.34 1.93
CA VAL A 43 -7.97 8.64 2.61
C VAL A 43 -8.30 9.72 1.60
N THR A 44 -8.50 10.95 2.05
CA THR A 44 -8.88 12.02 1.15
C THR A 44 -7.73 12.54 0.30
N ARG A 45 -8.11 13.26 -0.75
CA ARG A 45 -7.19 13.98 -1.63
C ARG A 45 -6.26 14.89 -0.83
N GLU A 46 -6.81 15.51 0.21
CA GLU A 46 -6.09 16.46 1.05
C GLU A 46 -4.98 15.78 1.88
N ARG A 47 -5.29 14.65 2.47
CA ARG A 47 -4.29 13.89 3.22
C ARG A 47 -3.10 13.47 2.34
N ILE A 48 -3.39 13.06 1.12
CA ILE A 48 -2.33 12.71 0.19
C ILE A 48 -1.52 13.96 -0.09
N ARG A 49 -2.22 15.08 -0.28
CA ARG A 49 -1.55 16.36 -0.50
C ARG A 49 -0.61 16.76 0.65
N GLN A 50 -1.02 16.49 1.89
CA GLN A 50 -0.19 16.80 3.06
C GLN A 50 1.05 15.92 3.08
N ILE A 51 0.88 14.66 2.68
CA ILE A 51 2.04 13.78 2.63
C ILE A 51 3.04 14.29 1.59
N GLU A 52 2.51 14.64 0.42
CA GLU A 52 3.34 15.19 -0.65
C GLU A 52 4.08 16.46 -0.19
N ALA A 53 3.39 17.31 0.55
CA ALA A 53 3.99 18.54 1.06
C ALA A 53 5.11 18.25 2.06
N LYS A 54 4.85 17.33 2.99
CA LYS A 54 5.86 16.88 3.93
C LYS A 54 7.14 16.41 3.21
N ALA A 55 6.94 15.63 2.15
CA ALA A 55 8.08 15.15 1.37
C ALA A 55 8.82 16.26 0.63
N LEU A 56 8.09 17.21 0.07
CA LEU A 56 8.75 18.30 -0.63
C LEU A 56 9.58 19.15 0.34
N ARG A 57 9.01 19.39 1.53
CA ARG A 57 9.73 20.11 2.57
C ARG A 57 10.99 19.36 2.98
N LYS A 58 10.91 18.04 3.12
CA LYS A 58 12.11 17.27 3.44
C LYS A 58 13.10 17.31 2.29
N LEU A 59 12.59 17.43 1.08
CA LEU A 59 13.44 17.37 -0.10
C LEU A 59 14.25 18.64 -0.19
N ARG A 60 13.68 19.76 0.29
CA ARG A 60 14.41 21.03 0.22
C ARG A 60 15.66 21.18 1.14
N HIS A 61 15.60 20.65 2.38
CA HIS A 61 16.63 20.93 3.38
C HIS A 61 18.05 20.30 3.27
N PRO A 62 18.16 18.96 3.21
CA PRO A 62 19.52 18.44 3.21
C PRO A 62 19.90 17.77 1.89
N MET B 1 5.85 2.46 11.27
CA MET B 1 6.42 1.22 10.77
C MET B 1 7.20 1.44 9.48
N LYS B 2 8.50 1.13 9.51
CA LYS B 2 9.36 1.25 8.34
C LYS B 2 10.20 -0.03 8.21
N LEU B 3 9.99 -0.79 7.14
CA LEU B 3 10.80 -1.96 6.86
C LEU B 3 11.81 -1.56 5.82
N LYS B 4 13.08 -1.75 6.14
CA LYS B 4 14.16 -1.47 5.18
C LYS B 4 14.78 -2.77 4.74
N ILE B 5 14.81 -2.99 3.44
CA ILE B 5 15.43 -4.18 2.88
C ILE B 5 16.90 -3.84 2.65
N LEU B 6 17.80 -4.48 3.39
CA LEU B 6 19.23 -4.21 3.28
C LEU B 6 19.88 -4.94 2.11
N ASP B 7 19.42 -6.16 1.87
CA ASP B 7 19.84 -6.95 0.72
C ASP B 7 18.79 -8.03 0.55
N LYS B 8 19.02 -8.92 -0.40
CA LYS B 8 18.07 -9.98 -0.69
C LYS B 8 17.68 -10.75 0.57
N ASP B 9 18.63 -10.99 1.48
CA ASP B 9 18.35 -11.76 2.68
C ASP B 9 18.01 -11.05 4.01
N ASN B 10 18.25 -9.75 4.11
CA ASN B 10 18.23 -9.07 5.41
C ASN B 10 17.54 -7.75 5.37
N ALA B 11 16.70 -7.55 6.37
CA ALA B 11 15.99 -6.29 6.53
C ALA B 11 16.09 -5.80 7.99
N THR B 12 15.73 -4.55 8.23
CA THR B 12 15.52 -4.07 9.60
C THR B 12 14.13 -3.49 9.66
N LEU B 13 13.56 -3.46 10.86
CA LEU B 13 12.22 -2.91 10.98
C LEU B 13 12.16 -1.90 12.10
N ASN B 14 11.67 -0.71 11.80
CA ASN B 14 11.59 0.34 12.82
C ASN B 14 10.11 0.56 13.14
N VAL B 15 9.74 0.45 14.40
CA VAL B 15 8.33 0.62 14.76
C VAL B 15 8.17 1.49 15.98
N PHE B 16 7.03 2.17 16.06
CA PHE B 16 6.73 2.99 17.22
C PHE B 16 6.53 2.05 18.40
N HIS B 17 6.97 2.48 19.57
CA HIS B 17 6.82 1.71 20.79
C HIS B 17 5.91 2.41 21.79
N ARG B 18 6.38 3.53 22.32
CA ARG B 18 5.62 4.29 23.33
C ARG B 18 6.12 5.73 23.40
N ASN B 19 5.29 6.63 23.93
CA ASN B 19 5.68 8.04 24.04
C ASN B 19 6.22 8.61 22.73
N LYS B 20 7.46 9.07 22.78
CA LYS B 20 8.17 9.49 21.58
C LYS B 20 9.13 8.42 21.05
N GLU B 21 9.16 7.26 21.69
CA GLU B 21 10.18 6.24 21.44
C GLU B 21 9.84 5.27 20.32
N HIS B 22 10.82 5.02 19.45
CA HIS B 22 10.73 3.99 18.41
C HIS B 22 11.80 2.94 18.72
N LYS B 23 11.61 1.74 18.20
CA LYS B 23 12.60 0.69 18.37
C LYS B 23 12.96 0.13 17.00
N THR B 24 14.23 -0.16 16.80
CA THR B 24 14.67 -0.78 15.55
C THR B 24 15.11 -2.22 15.79
N ILE B 25 14.49 -3.16 15.06
CA ILE B 25 14.77 -4.58 15.16
C ILE B 25 15.64 -4.96 13.97
N ASP B 26 16.80 -5.52 14.23
CA ASP B 26 17.70 -5.92 13.16
C ASP B 26 17.56 -7.41 12.83
N ASN B 27 18.28 -7.86 11.80
CA ASN B 27 18.20 -9.26 11.39
C ASN B 27 16.79 -9.70 11.11
N VAL B 28 16.05 -8.88 10.38
CA VAL B 28 14.70 -9.25 9.96
C VAL B 28 14.79 -10.04 8.65
N PRO B 29 14.27 -11.27 8.63
CA PRO B 29 14.34 -12.12 7.43
C PRO B 29 13.43 -11.61 6.29
N THR B 30 13.95 -11.57 5.06
CA THR B 30 13.12 -11.19 3.91
C THR B 30 12.37 -12.39 3.33
N ALA B 31 12.81 -13.59 3.68
CA ALA B 31 12.37 -14.81 2.97
C ALA B 31 10.85 -15.04 3.04
N ASN B 32 10.33 -14.88 4.25
CA ASN B 32 8.94 -15.12 4.63
C ASN B 32 7.89 -13.97 4.73
N LEU B 33 8.19 -12.78 4.21
CA LEU B 33 7.39 -11.59 4.48
C LEU B 33 5.89 -11.85 4.35
N VAL B 34 5.52 -12.74 3.44
CA VAL B 34 4.13 -13.06 3.23
C VAL B 34 3.45 -13.54 4.53
N ASP B 35 4.24 -14.12 5.43
CA ASP B 35 3.70 -14.76 6.63
C ASP B 35 3.44 -13.80 7.78
N TRP B 36 3.96 -12.60 7.66
CA TRP B 36 3.92 -11.60 8.76
C TRP B 36 3.52 -10.17 8.41
N TYR B 37 4.23 -9.61 7.42
CA TYR B 37 4.07 -8.24 6.99
C TYR B 37 2.66 -7.90 6.39
N PRO B 38 1.94 -6.98 7.04
CA PRO B 38 0.61 -6.67 6.47
C PRO B 38 0.66 -5.93 5.13
N LEU B 39 -0.04 -6.47 4.13
CA LEU B 39 -0.05 -5.82 2.82
C LEU B 39 -1.10 -4.71 2.75
N SER B 40 -2.01 -4.72 3.73
CA SER B 40 -3.08 -3.71 3.73
C SER B 40 -2.60 -2.32 4.13
N ASN B 41 -2.98 -1.32 3.35
CA ASN B 41 -2.61 0.07 3.59
C ASN B 41 -3.32 0.67 4.80
N ALA B 42 -4.25 -0.09 5.39
CA ALA B 42 -5.02 0.41 6.54
C ALA B 42 -4.41 0.01 7.89
N TYR B 43 -3.25 -0.61 7.87
CA TYR B 43 -2.68 -1.18 9.07
C TYR B 43 -1.19 -0.97 9.08
N GLU B 44 -0.63 -0.92 10.29
CA GLU B 44 0.82 -1.03 10.44
C GLU B 44 1.11 -1.63 11.80
N TYR B 45 2.33 -2.12 12.01
CA TYR B 45 2.74 -2.68 13.28
C TYR B 45 3.25 -1.62 14.27
N LYS B 46 3.03 -1.86 15.55
CA LYS B 46 3.72 -1.15 16.64
C LYS B 46 4.36 -2.19 17.54
N LEU B 47 5.38 -1.80 18.31
CA LEU B 47 6.00 -2.70 19.27
C LEU B 47 5.09 -2.91 20.47
N SER B 48 4.96 -4.16 20.90
CA SER B 48 4.09 -4.48 22.02
C SER B 48 4.66 -3.91 23.32
N ARG B 49 3.80 -3.80 24.32
CA ARG B 49 4.17 -3.24 25.61
C ARG B 49 5.45 -3.87 26.15
N ASN B 50 5.62 -5.20 26.01
CA ASN B 50 6.79 -5.92 26.52
C ASN B 50 7.96 -6.18 25.54
N GLY B 51 7.83 -5.75 24.28
CA GLY B 51 8.91 -5.91 23.33
C GLY B 51 9.06 -7.25 22.66
N GLU B 52 8.27 -8.25 23.06
CA GLU B 52 8.32 -9.57 22.43
C GLU B 52 7.55 -9.61 21.11
N TYR B 53 6.50 -8.81 21.00
CA TYR B 53 5.55 -8.90 19.87
C TYR B 53 5.43 -7.65 19.03
N LEU B 54 5.13 -7.86 17.75
CA LEU B 54 4.69 -6.78 16.88
C LEU B 54 3.18 -6.91 16.83
N GLU B 55 2.49 -5.82 17.15
CA GLU B 55 1.03 -5.82 17.21
C GLU B 55 0.42 -4.87 16.17
N LEU B 56 -0.70 -5.28 15.59
CA LEU B 56 -1.34 -4.52 14.52
C LEU B 56 -2.05 -3.28 15.05
N LYS B 57 -2.07 -2.22 14.25
CA LYS B 57 -2.85 -1.02 14.53
C LYS B 57 -3.55 -0.58 13.26
N ARG B 58 -4.82 -0.23 13.40
CA ARG B 58 -5.62 0.23 12.28
C ARG B 58 -5.40 1.72 12.08
N LEU B 59 -5.06 2.13 10.87
CA LEU B 59 -4.90 3.55 10.58
C LEU B 59 -6.28 4.12 10.27
N ARG B 60 -6.35 5.43 10.06
CA ARG B 60 -7.63 6.07 9.83
C ARG B 60 -7.81 6.01 8.33
N SER B 61 -8.75 5.19 7.89
CA SER B 61 -8.89 4.90 6.48
C SER B 61 -10.26 4.36 6.22
N THR B 62 -10.74 4.50 4.99
CA THR B 62 -12.02 3.90 4.60
C THR B 62 -11.85 2.53 3.97
N LEU B 63 -10.62 2.03 3.90
CA LEU B 63 -10.37 0.71 3.34
C LEU B 63 -11.05 -0.38 4.15
N PRO B 64 -11.35 -1.51 3.51
CA PRO B 64 -11.99 -2.65 4.17
C PRO B 64 -11.21 -3.12 5.37
N SER B 65 -11.88 -3.83 6.25
CA SER B 65 -11.23 -4.49 7.37
C SER B 65 -10.31 -5.62 6.88
N SER B 66 -9.21 -5.84 7.57
CA SER B 66 -8.35 -7.01 7.34
C SER B 66 -7.93 -7.59 8.68
N TYR B 67 -7.44 -8.84 8.63
CA TYR B 67 -6.85 -9.52 9.78
C TYR B 67 -7.79 -9.64 10.97
N GLY B 68 -9.09 -9.53 10.69
CA GLY B 68 -10.11 -9.56 11.72
C GLY B 68 -10.05 -8.39 12.69
N LEU B 69 -9.44 -7.28 12.30
CA LEU B 69 -9.40 -6.10 13.13
C LEU B 69 -10.14 -4.96 12.45
N ASP B 70 -11.34 -4.61 12.95
CA ASP B 70 -12.16 -3.58 12.31
C ASP B 70 -11.76 -2.18 12.76
N ASP B 71 -11.10 -2.12 13.91
CA ASP B 71 -10.72 -0.88 14.57
C ASP B 71 -10.00 -1.41 15.79
N ASN B 72 -9.48 -0.56 16.67
CA ASN B 72 -8.50 -1.07 17.60
C ASN B 72 -9.12 -1.59 18.89
N ASN B 73 -9.12 -2.92 18.97
CA ASN B 73 -9.83 -3.69 19.96
C ASN B 73 -8.77 -4.63 20.42
N GLN B 74 -8.39 -4.51 21.69
CA GLN B 74 -7.17 -5.15 22.12
C GLN B 74 -7.35 -6.63 22.42
N ASP B 75 -8.60 -7.08 22.41
CA ASP B 75 -8.87 -8.51 22.51
C ASP B 75 -8.20 -9.20 21.34
N ILE B 76 -8.42 -8.66 20.15
CA ILE B 76 -7.86 -9.20 18.92
C ILE B 76 -6.41 -8.76 18.74
N ILE B 77 -6.13 -7.51 19.08
CA ILE B 77 -4.78 -6.99 18.90
C ILE B 77 -3.75 -7.76 19.72
N ARG B 78 -4.05 -7.97 21.00
CA ARG B 78 -3.17 -8.69 21.92
C ARG B 78 -3.17 -10.20 21.71
N ASP B 79 -4.17 -10.70 20.98
CA ASP B 79 -4.31 -12.14 20.79
C ASP B 79 -3.19 -12.74 19.94
N ASN B 80 -2.74 -13.94 20.31
CA ASN B 80 -1.61 -14.56 19.64
C ASN B 80 -1.75 -14.83 18.14
N ASN B 81 -2.94 -15.12 17.65
CA ASN B 81 -3.08 -15.41 16.23
C ASN B 81 -3.21 -14.16 15.37
N HIS B 82 -3.34 -13.01 16.03
CA HIS B 82 -3.30 -11.72 15.37
C HIS B 82 -2.02 -10.87 15.46
N ARG B 83 -0.98 -11.40 16.10
CA ARG B 83 0.28 -10.65 16.17
C ARG B 83 1.48 -11.47 15.76
N CYS B 84 2.66 -10.84 15.77
CA CYS B 84 3.87 -11.51 15.29
C CYS B 84 4.93 -11.53 16.37
N LYS B 85 5.26 -12.71 16.88
CA LYS B 85 6.35 -12.76 17.85
C LYS B 85 7.68 -12.50 17.16
N ILE B 86 8.40 -11.52 17.67
CA ILE B 86 9.64 -11.08 17.04
C ILE B 86 10.68 -12.18 16.99
N GLY B 87 11.23 -12.39 15.81
CA GLY B 87 12.18 -13.46 15.58
C GLY B 87 11.55 -14.76 15.10
N TYR B 88 10.26 -14.94 15.38
CA TYR B 88 9.43 -15.99 14.77
C TYR B 88 8.80 -15.62 13.42
N TRP B 89 8.44 -14.35 13.26
CA TRP B 89 8.05 -13.79 11.97
C TRP B 89 6.89 -14.54 11.33
N TYR B 90 5.90 -14.89 12.15
CA TYR B 90 4.68 -15.53 11.71
C TYR B 90 3.47 -14.89 12.38
N ASN B 91 2.54 -14.39 11.57
CA ASN B 91 1.27 -13.81 12.01
C ASN B 91 0.10 -14.44 11.22
N PRO B 92 -0.56 -15.46 11.78
CA PRO B 92 -1.62 -16.22 11.08
C PRO B 92 -2.71 -15.39 10.37
N ALA B 93 -3.23 -14.34 11.02
CA ALA B 93 -4.26 -13.47 10.44
C ALA B 93 -3.73 -12.77 9.17
N VAL B 94 -2.63 -12.08 9.37
CA VAL B 94 -1.95 -11.41 8.29
C VAL B 94 -1.62 -12.37 7.16
N ARG B 95 -1.08 -13.55 7.49
CA ARG B 95 -0.71 -14.54 6.46
C ARG B 95 -1.94 -14.95 5.66
N LYS B 96 -3.03 -15.21 6.38
CA LYS B 96 -4.25 -15.65 5.75
C LYS B 96 -4.72 -14.63 4.73
N ASP B 97 -4.81 -13.36 5.12
CA ASP B 97 -5.31 -12.37 4.15
C ASP B 97 -4.31 -12.05 3.01
N ASN B 98 -3.04 -12.03 3.38
CA ASN B 98 -1.99 -11.89 2.37
C ASN B 98 -2.15 -12.94 1.29
N LEU B 99 -2.49 -14.16 1.69
CA LEU B 99 -2.56 -15.26 0.71
C LEU B 99 -3.71 -15.08 -0.31
N LYS B 100 -4.85 -14.56 0.18
CA LYS B 100 -5.93 -14.24 -0.72
C LYS B 100 -5.38 -13.23 -1.71
N ILE B 101 -4.65 -12.24 -1.19
CA ILE B 101 -4.19 -11.21 -2.10
C ILE B 101 -3.27 -11.80 -3.17
N ILE B 102 -2.42 -12.73 -2.74
CA ILE B 102 -1.48 -13.41 -3.62
C ILE B 102 -2.20 -14.14 -4.73
N GLU B 103 -3.25 -14.86 -4.35
CA GLU B 103 -3.98 -15.64 -5.37
C GLU B 103 -4.61 -14.69 -6.37
N LYS B 104 -5.11 -13.56 -5.88
CA LYS B 104 -5.69 -12.57 -6.79
CA LYS B 104 -5.69 -12.57 -6.79
C LYS B 104 -4.64 -12.08 -7.79
N ALA B 105 -3.45 -11.77 -7.28
CA ALA B 105 -2.39 -11.31 -8.15
C ALA B 105 -2.02 -12.38 -9.21
N LYS B 106 -1.93 -13.63 -8.77
CA LYS B 106 -1.67 -14.72 -9.69
C LYS B 106 -2.74 -14.75 -10.80
N GLN B 107 -4.01 -14.55 -10.41
CA GLN B 107 -5.11 -14.49 -11.37
C GLN B 107 -4.99 -13.35 -12.38
N TYR B 108 -4.39 -12.23 -11.99
CA TYR B 108 -4.28 -11.08 -12.90
C TYR B 108 -3.07 -11.15 -13.83
N GLY B 109 -2.30 -12.22 -13.72
CA GLY B 109 -1.09 -12.40 -14.50
C GLY B 109 0.14 -11.73 -13.90
N LEU B 110 0.05 -11.37 -12.62
CA LEU B 110 1.16 -10.73 -11.91
C LEU B 110 2.09 -11.74 -11.22
N PRO B 111 3.38 -11.43 -11.14
CA PRO B 111 4.26 -12.33 -10.42
C PRO B 111 3.99 -12.25 -8.93
N ILE B 112 4.29 -13.31 -8.17
CA ILE B 112 3.96 -13.32 -6.75
C ILE B 112 5.16 -13.66 -5.87
N ILE B 113 5.12 -13.13 -4.65
CA ILE B 113 6.24 -13.21 -3.72
C ILE B 113 6.55 -14.61 -3.17
N THR B 114 5.60 -15.53 -3.31
CA THR B 114 5.76 -16.90 -2.82
C THR B 114 6.30 -17.86 -3.88
N GLU B 115 6.53 -17.36 -5.08
CA GLU B 115 7.10 -18.20 -6.13
C GLU B 115 8.32 -17.44 -6.62
N GLU B 116 9.15 -18.11 -7.41
N GLU B 116 9.07 -18.07 -7.50
CA GLU B 116 10.39 -17.50 -7.87
CA GLU B 116 10.32 -17.54 -8.02
C GLU B 116 10.10 -16.28 -8.71
C GLU B 116 10.08 -16.26 -8.78
N TYR B 117 10.97 -15.29 -8.63
CA TYR B 117 10.89 -14.09 -9.42
C TYR B 117 12.26 -13.47 -9.44
N ASP B 118 12.48 -12.53 -10.36
CA ASP B 118 13.69 -11.71 -10.35
C ASP B 118 13.31 -10.29 -10.73
N ALA B 119 14.30 -9.41 -10.84
CA ALA B 119 14.01 -7.99 -11.08
C ALA B 119 13.15 -7.78 -12.33
N ASN B 120 13.53 -8.46 -13.43
CA ASN B 120 12.78 -8.34 -14.69
C ASN B 120 11.31 -8.70 -14.58
N THR B 121 11.02 -9.79 -13.89
CA THR B 121 9.65 -10.27 -13.74
C THR B 121 8.81 -9.36 -12.82
N VAL B 122 9.46 -8.80 -11.80
CA VAL B 122 8.79 -7.81 -10.99
C VAL B 122 8.47 -6.55 -11.80
N GLU B 123 9.45 -6.07 -12.54
CA GLU B 123 9.28 -4.92 -13.43
CA GLU B 123 9.28 -4.90 -13.41
C GLU B 123 8.13 -5.14 -14.42
N GLN B 124 8.05 -6.33 -14.98
CA GLN B 124 6.93 -6.68 -15.87
C GLN B 124 5.59 -6.64 -15.09
N GLY B 125 5.64 -7.07 -13.83
CA GLY B 125 4.46 -7.03 -12.99
C GLY B 125 3.98 -5.60 -12.73
N PHE B 126 4.91 -4.68 -12.51
CA PHE B 126 4.54 -3.27 -12.37
C PHE B 126 3.97 -2.72 -13.67
N ARG B 127 4.53 -3.15 -14.82
CA ARG B 127 3.95 -2.75 -16.10
C ARG B 127 2.47 -3.13 -16.15
N ASP B 128 2.23 -4.40 -15.85
CA ASP B 128 0.89 -4.97 -15.97
C ASP B 128 -0.11 -4.36 -14.97
N ILE B 129 0.35 -4.10 -13.74
CA ILE B 129 -0.56 -3.47 -12.78
C ILE B 129 -0.85 -2.03 -13.21
N GLY B 130 0.13 -1.35 -13.81
CA GLY B 130 -0.14 -0.03 -14.35
C GLY B 130 -1.26 -0.09 -15.40
N VAL B 131 -1.20 -1.12 -16.24
CA VAL B 131 -2.28 -1.31 -17.23
C VAL B 131 -3.64 -1.51 -16.55
N ILE B 132 -3.64 -2.28 -15.46
CA ILE B 132 -4.90 -2.48 -14.73
C ILE B 132 -5.44 -1.18 -14.16
N PHE B 133 -4.58 -0.40 -13.50
CA PHE B 133 -4.99 0.90 -13.00
C PHE B 133 -5.60 1.77 -14.10
N GLN B 134 -4.88 1.95 -15.20
CA GLN B 134 -5.44 2.76 -16.31
C GLN B 134 -6.83 2.29 -16.82
N SER B 135 -6.93 1.00 -17.17
CA SER B 135 -8.22 0.44 -17.61
C SER B 135 -9.32 0.75 -16.56
N LEU B 136 -8.96 0.56 -15.30
CA LEU B 136 -9.87 0.79 -14.19
C LEU B 136 -10.36 2.23 -14.22
N LYS B 137 -9.45 3.20 -14.32
CA LYS B 137 -9.83 4.62 -14.40
C LYS B 137 -10.77 4.88 -15.58
N THR B 138 -10.62 4.13 -16.67
CA THR B 138 -11.62 4.23 -17.74
C THR B 138 -13.04 3.71 -17.34
N ILE B 139 -13.05 2.54 -16.71
CA ILE B 139 -14.31 1.94 -16.27
C ILE B 139 -15.04 2.80 -15.24
N VAL B 140 -14.29 3.42 -14.33
CA VAL B 140 -14.87 4.20 -13.24
C VAL B 140 -15.73 5.37 -13.75
N VAL B 141 -15.16 6.11 -14.69
CA VAL B 141 -15.88 7.20 -15.34
C VAL B 141 -16.98 6.66 -16.21
N THR B 142 -16.74 5.54 -16.89
CA THR B 142 -17.84 4.97 -17.67
C THR B 142 -19.07 4.71 -16.79
N ARG B 143 -18.84 4.12 -15.62
CA ARG B 143 -19.95 3.71 -14.76
C ARG B 143 -20.61 4.91 -14.12
N TYR B 144 -19.79 5.86 -13.66
CA TYR B 144 -20.33 7.10 -13.11
C TYR B 144 -21.20 7.84 -14.13
N LEU B 145 -20.78 7.84 -15.39
CA LEU B 145 -21.53 8.54 -16.45
C LEU B 145 -22.88 7.92 -16.78
N GLU B 146 -23.06 6.67 -16.42
CA GLU B 146 -24.34 6.03 -16.62
C GLU B 146 -25.37 6.38 -15.55
N GLY B 147 -24.90 6.82 -14.38
CA GLY B 147 -25.71 6.76 -13.18
C GLY B 147 -26.98 7.55 -12.86
N LYS B 148 -27.02 8.90 -12.78
CA LYS B 148 -26.04 9.93 -13.21
C LYS B 148 -25.87 10.06 -14.72
N THR B 149 -26.95 9.73 -15.42
CA THR B 149 -27.05 9.80 -16.88
C THR B 149 -27.68 11.10 -17.38
N GLU B 150 -27.96 12.01 -16.45
CA GLU B 150 -28.70 13.24 -16.75
C GLU B 150 -28.04 14.06 -17.84
N GLU B 151 -28.85 14.82 -18.59
CA GLU B 151 -28.39 15.62 -19.72
C GLU B 151 -27.38 16.68 -19.27
N GLU B 152 -27.14 16.71 -17.97
CA GLU B 152 -26.14 17.55 -17.32
C GLU B 152 -24.76 16.89 -17.42
N LEU B 153 -24.70 15.80 -18.17
CA LEU B 153 -23.42 15.25 -18.60
C LEU B 153 -22.55 16.33 -19.21
N ARG B 154 -23.16 17.35 -19.80
CA ARG B 154 -22.44 18.47 -20.37
C ARG B 154 -21.62 19.21 -19.31
N ILE B 155 -22.19 19.33 -18.11
CA ILE B 155 -21.48 19.94 -16.99
C ILE B 155 -20.22 19.13 -16.63
N PHE B 156 -20.39 17.83 -16.43
CA PHE B 156 -19.27 16.92 -16.17
C PHE B 156 -18.20 17.07 -17.26
N ASN B 157 -18.67 17.05 -18.51
CA ASN B 157 -17.86 17.12 -19.71
C ASN B 157 -17.24 18.48 -19.97
N MET B 158 -17.61 19.45 -19.13
CA MET B 158 -16.91 20.74 -19.08
C MET B 158 -15.55 20.64 -18.35
N LYS B 159 -15.27 19.50 -17.71
CA LYS B 159 -13.98 19.33 -17.02
C LYS B 159 -12.88 18.73 -17.90
N SER B 160 -11.68 18.58 -17.33
CA SER B 160 -10.62 17.87 -18.04
C SER B 160 -10.74 16.39 -17.68
N GLU B 161 -9.94 15.53 -18.31
CA GLU B 161 -10.03 14.09 -18.07
C GLU B 161 -9.75 13.76 -16.62
N GLU B 162 -8.84 14.55 -16.05
CA GLU B 162 -8.44 14.36 -14.67
C GLU B 162 -9.53 14.75 -13.68
N SER B 163 -10.20 15.88 -13.89
CA SER B 163 -11.26 16.32 -12.99
C SER B 163 -12.47 15.38 -13.04
N GLN B 164 -12.72 14.87 -14.26
CA GLN B 164 -13.74 13.86 -14.47
C GLN B 164 -13.41 12.62 -13.67
N LEU B 165 -12.23 12.06 -13.92
CA LEU B 165 -11.78 10.86 -13.19
C LEU B 165 -11.87 11.06 -11.68
N ASN B 166 -11.46 12.25 -11.22
CA ASN B 166 -11.52 12.60 -9.81
C ASN B 166 -12.93 12.60 -9.25
N GLU B 167 -13.88 13.23 -9.95
CA GLU B 167 -15.27 13.27 -9.47
C GLU B 167 -15.94 11.90 -9.49
N ALA B 168 -15.71 11.15 -10.56
CA ALA B 168 -16.22 9.77 -10.64
C ALA B 168 -15.66 8.90 -9.50
N LEU B 169 -14.36 8.96 -9.27
CA LEU B 169 -13.74 8.18 -8.19
C LEU B 169 -14.32 8.59 -6.84
N LYS B 170 -14.40 9.91 -6.62
CA LYS B 170 -14.95 10.46 -5.39
C LYS B 170 -16.30 9.86 -5.05
N GLU B 171 -17.14 9.74 -6.09
CA GLU B 171 -18.53 9.30 -5.98
C GLU B 171 -18.81 7.81 -6.22
N SER B 172 -17.77 6.98 -6.36
CA SER B 172 -17.97 5.63 -6.88
C SER B 172 -18.65 4.62 -5.93
N ASP B 173 -18.90 3.42 -6.44
CA ASP B 173 -19.48 2.31 -5.67
C ASP B 173 -18.47 1.60 -4.76
N PHE B 174 -18.96 0.93 -3.72
CA PHE B 174 -18.12 0.16 -2.80
C PHE B 174 -17.32 -0.93 -3.52
N SER B 175 -17.92 -1.52 -4.56
CA SER B 175 -17.24 -2.50 -5.40
C SER B 175 -15.90 -1.97 -5.94
N VAL B 176 -15.96 -0.74 -6.45
CA VAL B 176 -14.78 -0.03 -6.97
C VAL B 176 -13.74 0.15 -5.87
N ASP B 177 -14.25 0.44 -4.67
CA ASP B 177 -13.42 0.57 -3.49
C ASP B 177 -12.64 -0.74 -3.30
N LEU B 178 -13.36 -1.86 -3.34
CA LEU B 178 -12.74 -3.18 -3.19
C LEU B 178 -11.66 -3.49 -4.23
N THR B 179 -11.93 -3.09 -5.46
CA THR B 179 -10.93 -3.22 -6.52
C THR B 179 -9.65 -2.43 -6.25
N TYR B 180 -9.80 -1.19 -5.78
CA TYR B 180 -8.64 -0.39 -5.49
C TYR B 180 -7.88 -0.88 -4.26
N SER B 181 -8.61 -1.37 -3.26
CA SER B 181 -7.99 -1.95 -2.05
C SER B 181 -7.09 -3.12 -2.47
N ASP B 182 -7.70 -4.05 -3.19
CA ASP B 182 -6.96 -5.21 -3.68
C ASP B 182 -5.72 -4.78 -4.42
N LEU B 183 -5.88 -3.86 -5.37
CA LEU B 183 -4.74 -3.50 -6.18
C LEU B 183 -3.64 -2.83 -5.36
N GLY B 184 -4.03 -2.02 -4.39
CA GLY B 184 -3.05 -1.41 -3.51
C GLY B 184 -2.24 -2.48 -2.76
N GLN B 185 -2.89 -3.53 -2.29
CA GLN B 185 -2.08 -4.55 -1.59
C GLN B 185 -1.15 -5.29 -2.55
N ILE B 186 -1.65 -5.54 -3.74
CA ILE B 186 -0.77 -6.18 -4.72
C ILE B 186 0.45 -5.30 -5.05
N TYR B 187 0.23 -4.00 -5.22
CA TYR B 187 1.31 -3.04 -5.43
C TYR B 187 2.30 -3.16 -4.31
N ASN B 188 1.80 -3.24 -3.07
CA ASN B 188 2.75 -3.34 -1.95
C ASN B 188 3.62 -4.61 -2.06
N MET B 189 2.97 -5.71 -2.43
CA MET B 189 3.71 -6.96 -2.65
C MET B 189 4.81 -6.81 -3.73
N LEU B 190 4.42 -6.26 -4.87
CA LEU B 190 5.39 -6.11 -5.94
C LEU B 190 6.54 -5.24 -5.48
N LEU B 191 6.27 -4.20 -4.69
CA LEU B 191 7.36 -3.38 -4.18
C LEU B 191 8.29 -4.16 -3.24
N LEU B 192 7.73 -5.00 -2.38
CA LEU B 192 8.62 -5.79 -1.53
C LEU B 192 9.52 -6.66 -2.44
N MET B 193 8.93 -7.19 -3.49
CA MET B 193 9.68 -8.02 -4.42
C MET B 193 10.78 -7.24 -5.17
N LYS B 194 10.45 -6.03 -5.60
CA LYS B 194 11.38 -5.15 -6.26
C LYS B 194 12.57 -4.94 -5.37
N LYS B 195 12.29 -4.56 -4.12
CA LYS B 195 13.34 -4.23 -3.19
C LYS B 195 14.23 -5.43 -2.89
N ILE B 196 13.63 -6.61 -2.71
CA ILE B 196 14.43 -7.82 -2.46
C ILE B 196 15.29 -8.19 -3.69
N SER B 197 14.78 -7.87 -4.87
CA SER B 197 15.48 -8.30 -6.06
C SER B 197 16.49 -7.27 -6.62
N LYS B 198 16.65 -6.13 -5.94
CA LYS B 198 17.53 -5.06 -6.40
C LYS B 198 18.99 -5.48 -6.57
#